data_8REF
#
_entry.id   8REF
#
_cell.length_a   50.143
_cell.length_b   81.970
_cell.length_c   107.810
_cell.angle_alpha   90.000
_cell.angle_beta   90.000
_cell.angle_gamma   90.000
#
_symmetry.space_group_name_H-M   'P 21 21 21'
#
loop_
_entity.id
_entity.type
_entity.pdbx_description
1 polymer 'HLA class I histocompatibility antigen B alpha chain'
2 polymer Beta-2-microglobulin
3 polymer "Spike protein S2'"
4 non-polymer DI(HYDROXYETHYL)ETHER
5 non-polymer 1,2-ETHANEDIOL
6 non-polymer 'SODIUM ION'
7 water water
#
loop_
_entity_poly.entity_id
_entity_poly.type
_entity_poly.pdbx_seq_one_letter_code
_entity_poly.pdbx_strand_id
1 'polypeptide(L)'
;MRVTAPRTLLLLLWGAVALTETWAGSHSMRYFYTAMSRPGRGEPRFITVGYVDDTQFVRFDSDATSPRMAPRAPWIEQEG
PEYWDRETQISKTNTQTYRENLRTALRYYNQSEAGSHIIQRMYGCDLGPDGRLLRGHNQLAYDGKDYIALNEDLSSWTAA
DTAAQITQLKWEAARVAEQLRAYLEGECVEWLRRYLENGKETLQRADPPKTHVTHHPISDHEATLRCWALGFYPAEITLT
WQRDGEDQTQDTELVETRPAGDRTFQKWAAVVVPSGEEQRYTCHVQHEGLPKPLTLRWEPSSQSTVPIVGIVAGLAVLAV
VVIGAVVAAVMCRRKSSGGKGGSYSQAACSDSAQGSDVSLTA
;
A
2 'polypeptide(L)'
;MIQRTPKIQVYSRHPAENGKSNFLNCYVSGFHPSDIEVDLLKNGERIEKVEHSDLSFSKDWSFYLLYYTEFTPTEKDEYA
CRVNHVTLSQPKIVKWDRDM
;
B
3 'polypeptide(L)' SVLNDILARL C
#
loop_
_chem_comp.id
_chem_comp.type
_chem_comp.name
_chem_comp.formula
EDO non-polymer 1,2-ETHANEDIOL 'C2 H6 O2'
NA non-polymer 'SODIUM ION' 'Na 1'
PEG non-polymer DI(HYDROXYETHYL)ETHER 'C4 H10 O3'
#
# COMPACT_ATOMS: atom_id res chain seq x y z
N GLY A 25 -4.91 18.06 9.59
CA GLY A 25 -3.85 17.18 9.12
C GLY A 25 -3.20 17.62 7.82
N SER A 26 -2.09 16.97 7.49
CA SER A 26 -1.40 17.21 6.23
C SER A 26 -1.86 16.18 5.22
N HIS A 27 -2.09 16.62 3.99
CA HIS A 27 -2.72 15.76 3.01
C HIS A 27 -1.78 15.55 1.83
N SER A 28 -1.99 14.45 1.13
CA SER A 28 -1.15 14.19 -0.02
C SER A 28 -1.98 13.54 -1.12
N MET A 29 -1.50 13.69 -2.35
CA MET A 29 -2.06 12.96 -3.48
C MET A 29 -0.91 12.27 -4.19
N ARG A 30 -1.13 11.02 -4.59
CA ARG A 30 -0.07 10.24 -5.20
C ARG A 30 -0.65 9.40 -6.32
N TYR A 31 0.06 9.35 -7.45
CA TYR A 31 -0.21 8.39 -8.49
C TYR A 31 0.93 7.37 -8.53
N PHE A 32 0.56 6.10 -8.71
CA PHE A 32 1.47 4.98 -8.76
C PHE A 32 1.28 4.28 -10.10
N TYR A 33 2.34 4.24 -10.90
CA TYR A 33 2.36 3.54 -12.17
C TYR A 33 3.18 2.26 -12.06
N THR A 34 2.69 1.17 -12.64
CA THR A 34 3.49 -0.04 -12.75
C THR A 34 3.37 -0.58 -14.17
N ALA A 35 4.50 -0.84 -14.80
CA ALA A 35 4.58 -1.54 -16.07
C ALA A 35 5.38 -2.82 -15.87
N MET A 36 4.81 -3.97 -16.26
CA MET A 36 5.38 -5.28 -15.99
C MET A 36 5.45 -6.05 -17.31
N SER A 37 6.65 -6.31 -17.80
CA SER A 37 6.76 -7.13 -18.99
C SER A 37 6.61 -8.60 -18.62
N ARG A 38 6.31 -9.41 -19.64
CA ARG A 38 5.96 -10.80 -19.43
C ARG A 38 6.16 -11.52 -20.76
N PRO A 39 7.40 -11.70 -21.20
CA PRO A 39 7.65 -12.28 -22.53
C PRO A 39 6.95 -13.62 -22.71
N GLY A 40 6.32 -13.79 -23.87
CA GLY A 40 5.57 -15.00 -24.16
C GLY A 40 4.14 -14.95 -23.69
N ARG A 41 3.76 -13.88 -22.96
CA ARG A 41 2.44 -13.75 -22.37
C ARG A 41 1.81 -12.41 -22.71
N GLY A 42 2.09 -11.89 -23.91
CA GLY A 42 1.51 -10.65 -24.36
C GLY A 42 2.39 -9.45 -24.04
N GLU A 43 1.87 -8.27 -24.42
CA GLU A 43 2.60 -7.02 -24.18
C GLU A 43 2.59 -6.69 -22.68
N PRO A 44 3.51 -5.82 -22.23
CA PRO A 44 3.56 -5.50 -20.81
C PRO A 44 2.27 -4.91 -20.29
N ARG A 45 1.91 -5.32 -19.09
CA ARG A 45 0.75 -4.76 -18.40
C ARG A 45 1.10 -3.40 -17.81
N PHE A 46 0.15 -2.48 -17.86
CA PHE A 46 0.34 -1.15 -17.30
C PHE A 46 -0.84 -0.87 -16.38
N ILE A 47 -0.55 -0.49 -15.14
N ILE A 47 -0.53 -0.44 -15.15
CA ILE A 47 -1.59 -0.13 -14.20
CA ILE A 47 -1.52 -0.19 -14.11
C ILE A 47 -1.28 1.22 -13.59
C ILE A 47 -1.26 1.18 -13.50
N THR A 48 -2.33 1.95 -13.25
CA THR A 48 -2.24 3.19 -12.50
C THR A 48 -3.22 3.11 -11.33
N VAL A 49 -2.78 3.52 -10.14
CA VAL A 49 -3.72 3.79 -9.04
C VAL A 49 -3.39 5.16 -8.49
N GLY A 50 -4.43 5.90 -8.12
CA GLY A 50 -4.27 7.21 -7.50
C GLY A 50 -4.79 7.14 -6.09
N TYR A 51 -4.10 7.82 -5.17
CA TYR A 51 -4.48 7.89 -3.76
C TYR A 51 -4.57 9.35 -3.35
N VAL A 52 -5.53 9.67 -2.49
CA VAL A 52 -5.47 10.84 -1.61
C VAL A 52 -5.28 10.30 -0.22
N ASP A 53 -4.20 10.70 0.44
CA ASP A 53 -3.82 10.13 1.74
C ASP A 53 -3.83 8.61 1.62
N ASP A 54 -4.53 7.88 2.48
CA ASP A 54 -4.59 6.42 2.41
C ASP A 54 -5.85 5.92 1.73
N THR A 55 -6.48 6.74 0.89
CA THR A 55 -7.71 6.36 0.20
C THR A 55 -7.44 6.27 -1.28
N GLN A 56 -7.54 5.07 -1.86
CA GLN A 56 -7.43 4.94 -3.30
C GLN A 56 -8.68 5.53 -3.94
N PHE A 57 -8.52 6.27 -5.04
CA PHE A 57 -9.71 6.87 -5.65
C PHE A 57 -9.84 6.64 -7.15
N VAL A 58 -8.78 6.24 -7.87
CA VAL A 58 -8.93 5.81 -9.26
C VAL A 58 -8.01 4.63 -9.53
N ARG A 59 -8.33 3.88 -10.58
CA ARG A 59 -7.47 2.80 -11.08
C ARG A 59 -7.57 2.73 -12.59
N PHE A 60 -6.49 2.27 -13.22
CA PHE A 60 -6.45 1.96 -14.64
C PHE A 60 -5.66 0.67 -14.77
N ASP A 61 -6.11 -0.21 -15.65
CA ASP A 61 -5.47 -1.50 -15.86
C ASP A 61 -5.56 -1.80 -17.34
N SER A 62 -4.40 -1.88 -18.02
CA SER A 62 -4.40 -2.16 -19.45
C SER A 62 -4.94 -3.54 -19.75
N ASP A 63 -5.00 -4.44 -18.76
CA ASP A 63 -5.51 -5.78 -19.02
C ASP A 63 -7.03 -5.84 -19.02
N ALA A 64 -7.70 -4.76 -18.65
CA ALA A 64 -9.16 -4.75 -18.64
C ALA A 64 -9.71 -4.87 -20.05
N THR A 65 -10.94 -5.40 -20.15
CA THR A 65 -11.57 -5.61 -21.46
C THR A 65 -11.65 -4.32 -22.26
N SER A 66 -12.13 -3.25 -21.61
CA SER A 66 -12.15 -1.91 -22.19
C SER A 66 -11.47 -1.00 -21.17
N PRO A 67 -10.16 -0.82 -21.27
CA PRO A 67 -9.42 -0.07 -20.24
C PRO A 67 -9.91 1.37 -20.12
N ARG A 68 -10.20 1.77 -18.89
CA ARG A 68 -10.57 3.15 -18.59
C ARG A 68 -10.01 3.48 -17.22
N MET A 69 -9.73 4.76 -17.00
CA MET A 69 -9.58 5.21 -15.61
C MET A 69 -10.94 5.10 -14.95
N ALA A 70 -11.02 4.39 -13.83
CA ALA A 70 -12.32 4.14 -13.22
C ALA A 70 -12.32 4.63 -11.78
N PRO A 71 -13.48 5.05 -11.27
CA PRO A 71 -13.53 5.56 -9.89
C PRO A 71 -13.43 4.41 -8.89
N ARG A 72 -12.74 4.69 -7.77
CA ARG A 72 -12.66 3.77 -6.66
C ARG A 72 -13.07 4.42 -5.34
N ALA A 73 -13.55 5.66 -5.35
CA ALA A 73 -14.10 6.33 -4.19
C ALA A 73 -15.34 7.12 -4.61
N PRO A 74 -16.32 7.26 -3.71
CA PRO A 74 -17.59 7.88 -4.11
C PRO A 74 -17.46 9.33 -4.55
N TRP A 75 -16.58 10.10 -3.90
CA TRP A 75 -16.47 11.52 -4.15
C TRP A 75 -15.82 11.86 -5.49
N ILE A 76 -15.17 10.90 -6.16
CA ILE A 76 -14.70 11.17 -7.50
C ILE A 76 -15.74 10.83 -8.57
N GLU A 77 -16.81 10.10 -8.21
CA GLU A 77 -17.75 9.64 -9.24
C GLU A 77 -18.46 10.79 -9.93
N GLN A 78 -18.58 11.93 -9.27
CA GLN A 78 -19.24 13.12 -9.79
C GLN A 78 -18.43 13.86 -10.84
N GLU A 79 -17.17 13.49 -11.08
CA GLU A 79 -16.43 14.17 -12.12
C GLU A 79 -17.05 13.84 -13.47
N GLY A 80 -17.06 14.83 -14.36
CA GLY A 80 -17.81 14.73 -15.60
C GLY A 80 -17.09 13.89 -16.64
N PRO A 81 -17.77 13.64 -17.75
CA PRO A 81 -17.18 12.79 -18.80
C PRO A 81 -15.84 13.29 -19.30
N GLU A 82 -15.66 14.61 -19.40
CA GLU A 82 -14.38 15.14 -19.83
C GLU A 82 -13.26 14.71 -18.90
N TYR A 83 -13.52 14.69 -17.58
CA TYR A 83 -12.52 14.19 -16.63
C TYR A 83 -12.11 12.77 -16.99
N TRP A 84 -13.07 11.85 -17.02
CA TRP A 84 -12.76 10.45 -17.24
C TRP A 84 -12.12 10.20 -18.59
N ASP A 85 -12.54 10.94 -19.62
N ASP A 85 -12.54 10.95 -19.62
CA ASP A 85 -11.93 10.79 -20.94
CA ASP A 85 -11.94 10.80 -20.94
C ASP A 85 -10.46 11.22 -20.94
C ASP A 85 -10.47 11.21 -20.93
N ARG A 86 -10.15 12.34 -20.29
CA ARG A 86 -8.77 12.80 -20.25
C ARG A 86 -7.89 11.81 -19.48
N GLU A 87 -8.35 11.41 -18.29
CA GLU A 87 -7.59 10.44 -17.50
C GLU A 87 -7.39 9.14 -18.27
N THR A 88 -8.39 8.74 -19.05
CA THR A 88 -8.26 7.47 -19.76
C THR A 88 -7.29 7.59 -20.93
N GLN A 89 -7.40 8.67 -21.70
CA GLN A 89 -6.51 8.80 -22.86
C GLN A 89 -5.06 8.96 -22.42
N ILE A 90 -4.82 9.67 -21.32
CA ILE A 90 -3.44 9.77 -20.84
C ILE A 90 -2.94 8.40 -20.40
N SER A 91 -3.77 7.65 -19.70
CA SER A 91 -3.38 6.31 -19.24
C SER A 91 -3.17 5.36 -20.40
N LYS A 92 -3.99 5.45 -21.46
CA LYS A 92 -3.75 4.59 -22.62
C LYS A 92 -2.45 4.97 -23.33
N THR A 93 -2.18 6.27 -23.44
CA THR A 93 -0.88 6.70 -23.94
C THR A 93 0.25 6.19 -23.04
N ASN A 94 0.06 6.30 -21.71
CA ASN A 94 1.08 5.81 -20.79
C ASN A 94 1.34 4.32 -20.97
N THR A 95 0.28 3.53 -21.23
CA THR A 95 0.50 2.11 -21.55
C THR A 95 1.56 1.96 -22.64
N GLN A 96 1.41 2.73 -23.72
CA GLN A 96 2.35 2.62 -24.84
C GLN A 96 3.72 3.17 -24.47
N THR A 97 3.74 4.31 -23.78
N THR A 97 3.76 4.32 -23.78
CA THR A 97 5.01 4.92 -23.38
CA THR A 97 5.03 4.91 -23.38
C THR A 97 5.82 4.00 -22.48
C THR A 97 5.83 3.95 -22.51
N TYR A 98 5.17 3.34 -21.52
CA TYR A 98 5.92 2.47 -20.62
C TYR A 98 6.30 1.13 -21.24
N ARG A 99 5.58 0.66 -22.26
CA ARG A 99 6.10 -0.47 -23.03
C ARG A 99 7.38 -0.08 -23.77
N GLU A 100 7.40 1.14 -24.31
CA GLU A 100 8.62 1.64 -24.91
C GLU A 100 9.72 1.81 -23.86
N ASN A 101 9.35 2.31 -22.67
CA ASN A 101 10.36 2.46 -21.62
C ASN A 101 10.93 1.12 -21.21
N LEU A 102 10.10 0.09 -21.13
CA LEU A 102 10.63 -1.24 -20.82
C LEU A 102 11.60 -1.73 -21.88
N ARG A 103 11.33 -1.46 -23.17
CA ARG A 103 12.27 -1.84 -24.21
C ARG A 103 13.57 -1.06 -24.06
N THR A 104 13.46 0.23 -23.74
CA THR A 104 14.64 1.06 -23.52
C THR A 104 15.48 0.52 -22.36
N ALA A 105 14.82 0.19 -21.25
CA ALA A 105 15.53 -0.33 -20.09
C ALA A 105 16.36 -1.55 -20.43
N LEU A 106 15.88 -2.40 -21.34
CA LEU A 106 16.65 -3.56 -21.75
C LEU A 106 17.97 -3.14 -22.39
N ARG A 107 17.94 -2.11 -23.22
CA ARG A 107 19.17 -1.59 -23.82
C ARG A 107 20.07 -0.94 -22.78
N TYR A 108 19.48 -0.27 -21.79
CA TYR A 108 20.29 0.43 -20.78
C TYR A 108 21.00 -0.52 -19.83
N TYR A 109 20.53 -1.76 -19.70
CA TYR A 109 21.11 -2.74 -18.79
C TYR A 109 21.62 -3.98 -19.51
N ASN A 110 21.67 -3.95 -20.85
CA ASN A 110 22.19 -5.06 -21.64
C ASN A 110 21.43 -6.35 -21.34
N GLN A 111 20.11 -6.25 -21.17
CA GLN A 111 19.27 -7.38 -20.80
C GLN A 111 18.59 -7.95 -22.04
N SER A 112 18.25 -9.23 -21.96
CA SER A 112 17.62 -9.84 -23.14
C SER A 112 16.12 -9.63 -23.09
N GLU A 113 15.46 -9.93 -24.21
CA GLU A 113 14.02 -9.82 -24.27
C GLU A 113 13.32 -11.03 -23.67
N ALA A 114 14.05 -11.99 -23.08
CA ALA A 114 13.38 -13.19 -22.57
C ALA A 114 12.90 -13.04 -21.13
N GLY A 115 13.35 -12.04 -20.40
CA GLY A 115 13.05 -11.93 -18.99
C GLY A 115 11.94 -10.95 -18.70
N SER A 116 11.35 -11.08 -17.52
N SER A 116 11.32 -11.12 -17.54
CA SER A 116 10.28 -10.19 -17.09
CA SER A 116 10.31 -10.19 -17.04
C SER A 116 10.86 -9.08 -16.21
C SER A 116 10.99 -9.04 -16.29
N HIS A 117 10.51 -7.83 -16.51
CA HIS A 117 11.00 -6.67 -15.77
C HIS A 117 9.86 -5.71 -15.43
N ILE A 118 10.16 -4.78 -14.52
CA ILE A 118 9.15 -3.91 -13.94
C ILE A 118 9.71 -2.49 -13.83
N ILE A 119 8.99 -1.53 -14.38
CA ILE A 119 9.20 -0.12 -14.08
C ILE A 119 8.09 0.35 -13.16
N GLN A 120 8.45 1.12 -12.13
CA GLN A 120 7.47 1.74 -11.26
C GLN A 120 7.71 3.23 -11.20
N ARG A 121 6.64 3.97 -11.00
CA ARG A 121 6.76 5.42 -10.86
C ARG A 121 5.79 5.85 -9.79
N MET A 122 6.22 6.80 -8.95
CA MET A 122 5.26 7.50 -8.10
C MET A 122 5.52 8.99 -8.18
N TYR A 123 4.44 9.77 -8.17
CA TYR A 123 4.59 11.22 -8.15
C TYR A 123 3.39 11.80 -7.43
N GLY A 124 3.53 13.05 -6.99
CA GLY A 124 2.42 13.74 -6.38
C GLY A 124 2.92 14.80 -5.42
N CYS A 125 1.95 15.40 -4.72
CA CYS A 125 2.19 16.56 -3.88
C CYS A 125 1.77 16.27 -2.44
N ASP A 126 2.49 16.88 -1.50
CA ASP A 126 2.13 16.90 -0.09
C ASP A 126 1.73 18.33 0.25
N LEU A 127 0.63 18.48 0.98
CA LEU A 127 0.19 19.78 1.47
C LEU A 127 0.48 19.86 2.96
N GLY A 128 0.94 21.03 3.39
CA GLY A 128 1.09 21.27 4.80
C GLY A 128 -0.24 21.55 5.46
N PRO A 129 -0.22 21.69 6.79
CA PRO A 129 -1.46 22.03 7.51
C PRO A 129 -2.06 23.35 7.07
N ASP A 130 -1.23 24.29 6.60
CA ASP A 130 -1.73 25.52 6.00
C ASP A 130 -2.39 25.29 4.65
N GLY A 131 -2.27 24.10 4.07
CA GLY A 131 -2.85 23.81 2.78
C GLY A 131 -1.99 24.16 1.59
N ARG A 132 -0.79 24.70 1.81
CA ARG A 132 0.10 25.02 0.72
C ARG A 132 1.00 23.82 0.42
N LEU A 133 1.60 23.83 -0.76
CA LEU A 133 2.53 22.78 -1.13
C LEU A 133 3.64 22.66 -0.09
N LEU A 134 3.75 21.48 0.51
CA LEU A 134 4.87 21.19 1.40
C LEU A 134 6.06 20.63 0.63
N ARG A 135 5.85 19.57 -0.16
CA ARG A 135 6.85 19.17 -1.14
C ARG A 135 6.21 18.35 -2.26
N GLY A 136 6.96 18.24 -3.34
CA GLY A 136 6.57 17.43 -4.48
C GLY A 136 7.45 16.22 -4.69
N HIS A 137 6.96 15.22 -5.42
CA HIS A 137 7.66 13.96 -5.58
C HIS A 137 7.52 13.49 -7.02
N ASN A 138 8.61 12.91 -7.54
CA ASN A 138 8.52 12.14 -8.78
C ASN A 138 9.71 11.19 -8.81
N GLN A 139 9.46 9.91 -8.62
CA GLN A 139 10.53 8.91 -8.56
C GLN A 139 10.16 7.70 -9.40
N LEU A 140 11.20 7.05 -9.92
CA LEU A 140 11.05 5.84 -10.70
C LEU A 140 11.96 4.78 -10.14
N ALA A 141 11.56 3.53 -10.35
CA ALA A 141 12.37 2.38 -10.01
C ALA A 141 12.34 1.41 -11.19
N TYR A 142 13.41 0.65 -11.34
CA TYR A 142 13.47 -0.41 -12.33
C TYR A 142 13.79 -1.70 -11.59
N ASP A 143 12.93 -2.71 -11.76
CA ASP A 143 13.11 -4.00 -11.09
C ASP A 143 13.24 -3.83 -9.58
N GLY A 144 12.49 -2.89 -9.04
CA GLY A 144 12.42 -2.73 -7.60
C GLY A 144 13.55 -1.92 -7.01
N LYS A 145 14.48 -1.45 -7.84
CA LYS A 145 15.60 -0.64 -7.39
C LYS A 145 15.40 0.80 -7.83
N ASP A 146 15.72 1.72 -6.94
CA ASP A 146 15.60 3.12 -7.29
C ASP A 146 16.37 3.43 -8.56
N TYR A 147 15.76 4.23 -9.42
CA TYR A 147 16.32 4.53 -10.73
C TYR A 147 16.62 6.00 -10.86
N ILE A 148 15.62 6.86 -10.76
CA ILE A 148 15.83 8.30 -10.83
C ILE A 148 14.79 8.96 -9.95
N ALA A 149 15.17 10.07 -9.33
CA ALA A 149 14.25 10.83 -8.49
C ALA A 149 14.39 12.32 -8.78
N LEU A 150 13.24 13.01 -8.89
CA LEU A 150 13.27 14.47 -8.88
C LEU A 150 13.65 14.95 -7.49
N ASN A 151 14.64 15.83 -7.42
CA ASN A 151 15.06 16.37 -6.12
C ASN A 151 13.98 17.28 -5.54
N GLU A 152 14.05 17.48 -4.21
CA GLU A 152 13.06 18.29 -3.53
C GLU A 152 12.96 19.71 -4.10
N ASP A 153 14.01 20.20 -4.75
CA ASP A 153 13.95 21.53 -5.37
C ASP A 153 13.05 21.55 -6.61
N LEU A 154 12.58 20.38 -7.06
CA LEU A 154 11.73 20.26 -8.25
C LEU A 154 12.38 20.86 -9.48
N SER A 155 13.71 20.88 -9.52
CA SER A 155 14.41 21.38 -10.69
C SER A 155 15.65 20.58 -11.06
N SER A 156 16.10 19.64 -10.22
CA SER A 156 17.27 18.84 -10.51
C SER A 156 16.96 17.38 -10.24
N TRP A 157 17.75 16.49 -10.84
CA TRP A 157 17.54 15.05 -10.76
C TRP A 157 18.66 14.37 -10.00
N THR A 158 18.32 13.27 -9.32
CA THR A 158 19.30 12.33 -8.78
C THR A 158 19.18 10.99 -9.49
N ALA A 159 20.19 10.65 -10.29
CA ALA A 159 20.25 9.38 -10.99
C ALA A 159 20.94 8.34 -10.11
N ALA A 160 20.39 7.13 -10.08
CA ALA A 160 20.98 6.11 -9.21
C ALA A 160 22.16 5.38 -9.85
N ASP A 161 22.28 5.41 -11.17
CA ASP A 161 23.30 4.61 -11.81
C ASP A 161 23.54 5.22 -13.19
N THR A 162 24.44 4.59 -13.98
CA THR A 162 24.84 5.19 -15.23
C THR A 162 23.73 5.11 -16.28
N ALA A 163 22.82 4.14 -16.17
CA ALA A 163 21.65 4.12 -17.04
C ALA A 163 20.75 5.32 -16.74
N ALA A 164 20.44 5.54 -15.46
CA ALA A 164 19.59 6.66 -15.10
C ALA A 164 20.22 8.00 -15.47
N GLN A 165 21.56 8.06 -15.58
CA GLN A 165 22.16 9.30 -16.02
C GLN A 165 21.82 9.61 -17.46
N ILE A 166 21.61 8.56 -18.28
CA ILE A 166 21.19 8.79 -19.66
C ILE A 166 19.79 9.39 -19.68
N THR A 167 18.89 8.81 -18.88
CA THR A 167 17.55 9.36 -18.75
C THR A 167 17.59 10.81 -18.25
N GLN A 168 18.41 11.06 -17.24
CA GLN A 168 18.55 12.42 -16.73
C GLN A 168 18.86 13.42 -17.83
N LEU A 169 19.87 13.11 -18.66
CA LEU A 169 20.22 14.00 -19.76
C LEU A 169 19.04 14.21 -20.70
N LYS A 170 18.31 13.13 -21.04
CA LYS A 170 17.15 13.30 -21.91
C LYS A 170 16.10 14.19 -21.24
N TRP A 171 15.90 14.02 -19.92
CA TRP A 171 14.88 14.82 -19.26
C TRP A 171 15.32 16.27 -19.05
N GLU A 172 16.62 16.51 -18.90
CA GLU A 172 17.09 17.89 -18.86
C GLU A 172 16.88 18.59 -20.21
N ALA A 173 17.07 17.87 -21.32
CA ALA A 173 16.86 18.47 -22.63
C ALA A 173 15.39 18.74 -22.93
N ALA A 174 14.48 17.94 -22.38
CA ALA A 174 13.06 18.10 -22.69
C ALA A 174 12.31 18.90 -21.63
N ARG A 175 13.05 19.51 -20.70
CA ARG A 175 12.51 20.36 -19.63
C ARG A 175 11.46 19.62 -18.80
N VAL A 176 11.75 18.34 -18.52
CA VAL A 176 10.81 17.50 -17.76
C VAL A 176 10.64 18.03 -16.34
N ALA A 177 11.73 18.42 -15.68
CA ALA A 177 11.57 18.93 -14.30
C ALA A 177 10.70 20.18 -14.28
N GLU A 178 10.87 21.05 -15.27
CA GLU A 178 10.08 22.27 -15.32
C GLU A 178 8.59 21.97 -15.42
N GLN A 179 8.21 21.01 -16.27
CA GLN A 179 6.81 20.65 -16.39
C GLN A 179 6.30 20.03 -15.08
N LEU A 180 7.13 19.19 -14.46
CA LEU A 180 6.73 18.56 -13.20
C LEU A 180 6.55 19.60 -12.12
N ARG A 181 7.51 20.53 -11.99
CA ARG A 181 7.37 21.57 -10.98
C ARG A 181 6.07 22.34 -11.18
N ALA A 182 5.73 22.64 -12.43
CA ALA A 182 4.51 23.41 -12.69
C ALA A 182 3.28 22.62 -12.27
N TYR A 183 3.24 21.35 -12.66
CA TYR A 183 2.17 20.46 -12.24
C TYR A 183 2.11 20.36 -10.73
N LEU A 184 3.25 20.04 -10.10
CA LEU A 184 3.25 19.77 -8.67
C LEU A 184 2.88 20.99 -7.85
N GLU A 185 3.27 22.19 -8.28
CA GLU A 185 2.89 23.40 -7.54
C GLU A 185 1.52 23.93 -7.93
N GLY A 186 1.00 23.53 -9.08
CA GLY A 186 -0.24 24.08 -9.58
C GLY A 186 -1.36 23.06 -9.58
N GLU A 187 -1.51 22.34 -10.70
CA GLU A 187 -2.64 21.42 -10.87
C GLU A 187 -2.70 20.39 -9.74
N CYS A 188 -1.57 19.77 -9.39
CA CYS A 188 -1.60 18.72 -8.38
C CYS A 188 -2.22 19.24 -7.07
N VAL A 189 -1.80 20.43 -6.64
CA VAL A 189 -2.35 21.03 -5.43
C VAL A 189 -3.82 21.38 -5.62
N GLU A 190 -4.14 21.99 -6.76
CA GLU A 190 -5.51 22.42 -7.02
C GLU A 190 -6.44 21.22 -7.07
N TRP A 191 -6.06 20.15 -7.79
CA TRP A 191 -6.94 18.99 -7.80
C TRP A 191 -7.04 18.35 -6.42
N LEU A 192 -5.92 18.26 -5.69
CA LEU A 192 -5.99 17.66 -4.36
C LEU A 192 -6.94 18.43 -3.46
N ARG A 193 -6.89 19.78 -3.51
CA ARG A 193 -7.79 20.59 -2.70
C ARG A 193 -9.23 20.36 -3.11
N ARG A 194 -9.48 20.19 -4.41
CA ARG A 194 -10.84 19.90 -4.87
C ARG A 194 -11.31 18.55 -4.33
N TYR A 195 -10.49 17.51 -4.48
CA TYR A 195 -10.85 16.20 -3.96
C TYR A 195 -11.11 16.24 -2.46
N LEU A 196 -10.25 16.94 -1.71
CA LEU A 196 -10.41 17.03 -0.27
C LEU A 196 -11.73 17.70 0.11
N GLU A 197 -12.17 18.67 -0.68
CA GLU A 197 -13.44 19.32 -0.41
C GLU A 197 -14.60 18.41 -0.77
N ASN A 198 -14.53 17.79 -1.95
CA ASN A 198 -15.61 16.89 -2.36
C ASN A 198 -15.68 15.67 -1.47
N GLY A 199 -14.56 15.19 -0.94
CA GLY A 199 -14.63 14.01 -0.08
C GLY A 199 -14.43 14.37 1.37
N LYS A 200 -14.84 15.59 1.74
CA LYS A 200 -14.53 16.13 3.05
C LYS A 200 -15.00 15.22 4.17
N GLU A 201 -16.18 14.59 4.02
CA GLU A 201 -16.73 13.85 5.15
C GLU A 201 -15.93 12.59 5.45
N THR A 202 -15.08 12.13 4.53
CA THR A 202 -14.21 10.99 4.77
C THR A 202 -12.74 11.38 4.72
N LEU A 203 -12.30 12.07 3.66
CA LEU A 203 -10.90 12.40 3.51
C LEU A 203 -10.40 13.28 4.64
N GLN A 204 -11.24 14.17 5.14
CA GLN A 204 -10.84 15.09 6.20
C GLN A 204 -11.37 14.67 7.56
N ARG A 205 -11.67 13.38 7.70
CA ARG A 205 -12.12 12.84 8.97
C ARG A 205 -11.11 11.79 9.42
N ALA A 206 -10.41 12.07 10.51
CA ALA A 206 -9.59 11.05 11.15
C ALA A 206 -10.49 10.16 12.01
N ASP A 207 -10.24 8.85 11.94
CA ASP A 207 -10.95 7.92 12.82
C ASP A 207 -9.96 7.40 13.84
N PRO A 208 -10.19 7.64 15.13
CA PRO A 208 -9.21 7.22 16.13
C PRO A 208 -9.20 5.71 16.28
N PRO A 209 -8.11 5.14 16.77
CA PRO A 209 -8.08 3.70 17.00
C PRO A 209 -8.91 3.34 18.21
N LYS A 210 -9.58 2.20 18.11
CA LYS A 210 -10.14 1.51 19.26
C LYS A 210 -9.05 0.59 19.79
N THR A 211 -8.71 0.73 21.08
CA THR A 211 -7.49 0.11 21.60
C THR A 211 -7.82 -0.81 22.76
N HIS A 212 -7.07 -1.91 22.86
N HIS A 212 -7.06 -1.89 22.86
CA HIS A 212 -7.23 -2.79 24.01
CA HIS A 212 -7.24 -2.87 23.93
C HIS A 212 -6.06 -3.76 24.06
C HIS A 212 -5.93 -3.62 24.09
N VAL A 213 -5.73 -4.20 25.27
CA VAL A 213 -4.60 -5.10 25.52
C VAL A 213 -5.15 -6.49 25.76
N THR A 214 -4.61 -7.48 25.05
CA THR A 214 -4.98 -8.87 25.31
C THR A 214 -3.79 -9.63 25.88
N HIS A 215 -4.09 -10.73 26.53
CA HIS A 215 -3.14 -11.50 27.31
C HIS A 215 -3.19 -12.93 26.82
N HIS A 216 -2.04 -13.49 26.43
CA HIS A 216 -1.94 -14.84 25.84
C HIS A 216 -0.84 -15.61 26.54
N PRO A 217 -1.18 -16.39 27.56
CA PRO A 217 -0.17 -17.21 28.25
C PRO A 217 0.65 -18.05 27.27
N ILE A 218 1.96 -18.03 27.46
CA ILE A 218 2.88 -18.89 26.70
C ILE A 218 3.24 -20.11 27.50
N SER A 219 3.61 -19.90 28.76
CA SER A 219 4.00 -20.93 29.69
C SER A 219 3.51 -20.49 31.06
N ASP A 220 3.91 -21.23 32.09
CA ASP A 220 3.69 -20.73 33.43
C ASP A 220 4.66 -19.61 33.80
N HIS A 221 5.65 -19.31 32.95
CA HIS A 221 6.67 -18.30 33.21
C HIS A 221 6.45 -17.02 32.43
N GLU A 222 5.75 -17.07 31.32
CA GLU A 222 5.74 -15.99 30.34
C GLU A 222 4.36 -15.90 29.72
N ALA A 223 4.00 -14.68 29.31
CA ALA A 223 2.78 -14.44 28.58
C ALA A 223 3.02 -13.32 27.58
N THR A 224 2.26 -13.34 26.50
CA THR A 224 2.27 -12.27 25.52
C THR A 224 1.21 -11.25 25.91
N LEU A 225 1.61 -10.00 26.04
CA LEU A 225 0.69 -8.87 26.03
C LEU A 225 0.67 -8.30 24.61
N ARG A 226 -0.52 -8.18 24.03
CA ARG A 226 -0.67 -7.68 22.68
C ARG A 226 -1.56 -6.45 22.76
N CYS A 227 -1.01 -5.31 22.34
CA CYS A 227 -1.71 -4.05 22.34
C CYS A 227 -2.29 -3.84 20.95
N TRP A 228 -3.61 -3.74 20.87
CA TRP A 228 -4.33 -3.66 19.59
C TRP A 228 -4.74 -2.22 19.31
N ALA A 229 -4.67 -1.83 18.04
CA ALA A 229 -5.33 -0.63 17.56
C ALA A 229 -6.16 -1.02 16.34
N LEU A 230 -7.45 -0.72 16.38
CA LEU A 230 -8.36 -1.15 15.32
C LEU A 230 -9.19 0.03 14.83
N GLY A 231 -9.56 -0.02 13.55
CA GLY A 231 -10.54 0.90 13.03
C GLY A 231 -10.08 2.32 12.86
N PHE A 232 -8.77 2.56 12.74
CA PHE A 232 -8.27 3.92 12.63
C PHE A 232 -8.00 4.33 11.18
N TYR A 233 -8.11 5.64 10.95
CA TYR A 233 -7.79 6.23 9.67
C TYR A 233 -7.28 7.63 9.99
N PRO A 234 -6.17 8.09 9.36
CA PRO A 234 -5.34 7.42 8.34
C PRO A 234 -4.46 6.35 8.95
N ALA A 235 -3.56 5.74 8.15
CA ALA A 235 -2.81 4.57 8.62
C ALA A 235 -1.70 4.95 9.59
N GLU A 236 -1.20 6.17 9.54
CA GLU A 236 -0.07 6.53 10.39
C GLU A 236 -0.47 6.41 11.85
N ILE A 237 0.32 5.66 12.62
CA ILE A 237 0.05 5.43 14.03
C ILE A 237 1.38 5.04 14.67
N THR A 238 1.46 5.24 15.99
CA THR A 238 2.61 4.77 16.77
C THR A 238 2.10 3.94 17.94
N LEU A 239 2.58 2.71 18.04
CA LEU A 239 2.28 1.82 19.15
C LEU A 239 3.60 1.42 19.79
N THR A 240 3.73 1.65 21.08
CA THR A 240 4.97 1.31 21.75
C THR A 240 4.67 0.69 23.11
N TRP A 241 5.44 -0.32 23.48
CA TRP A 241 5.38 -0.89 24.81
C TRP A 241 6.48 -0.27 25.67
N GLN A 242 6.16 0.05 26.91
CA GLN A 242 7.16 0.41 27.89
C GLN A 242 7.10 -0.58 29.05
N ARG A 243 8.27 -0.90 29.61
CA ARG A 243 8.41 -1.69 30.83
C ARG A 243 9.06 -0.78 31.87
N ASP A 244 8.34 -0.52 32.96
CA ASP A 244 8.82 0.44 33.97
C ASP A 244 9.19 1.78 33.33
N GLY A 245 8.48 2.18 32.27
CA GLY A 245 8.71 3.45 31.61
C GLY A 245 9.80 3.46 30.56
N GLU A 246 10.50 2.35 30.36
CA GLU A 246 11.55 2.24 29.35
CA GLU A 246 11.54 2.26 29.34
C GLU A 246 10.95 1.63 28.09
N ASP A 247 11.17 2.28 26.95
CA ASP A 247 10.69 1.75 25.68
C ASP A 247 11.28 0.37 25.42
N GLN A 248 10.47 -0.51 24.85
CA GLN A 248 10.82 -1.91 24.62
C GLN A 248 10.96 -2.23 23.14
N THR A 249 11.51 -1.29 22.36
CA THR A 249 11.47 -1.41 20.90
C THR A 249 12.14 -2.68 20.43
N GLN A 250 13.36 -2.94 20.92
CA GLN A 250 14.07 -4.11 20.41
C GLN A 250 13.43 -5.42 20.87
N ASP A 251 12.50 -5.36 21.83
CA ASP A 251 11.82 -6.56 22.33
C ASP A 251 10.33 -6.60 21.96
N THR A 252 9.88 -5.74 21.05
CA THR A 252 8.48 -5.68 20.68
C THR A 252 8.30 -6.26 19.27
N GLU A 253 7.37 -7.22 19.14
CA GLU A 253 6.92 -7.65 17.81
C GLU A 253 5.83 -6.70 17.36
N LEU A 254 6.12 -5.95 16.29
CA LEU A 254 5.22 -4.94 15.71
C LEU A 254 4.81 -5.41 14.31
N VAL A 255 3.53 -5.80 14.12
CA VAL A 255 3.12 -6.17 12.76
C VAL A 255 2.96 -4.91 11.92
N GLU A 256 3.13 -5.09 10.62
CA GLU A 256 2.84 -4.03 9.67
C GLU A 256 1.38 -3.59 9.78
N THR A 257 1.17 -2.28 9.70
CA THR A 257 -0.20 -1.76 9.68
C THR A 257 -0.94 -2.36 8.49
N ARG A 258 -2.18 -2.81 8.73
CA ARG A 258 -2.86 -3.62 7.73
C ARG A 258 -4.28 -3.13 7.50
N PRO A 259 -4.77 -3.22 6.26
CA PRO A 259 -6.11 -2.71 5.98
C PRO A 259 -7.18 -3.66 6.49
N ALA A 260 -8.20 -3.09 7.11
CA ALA A 260 -9.34 -3.89 7.55
C ALA A 260 -10.31 -4.22 6.41
N GLY A 261 -10.31 -3.42 5.34
CA GLY A 261 -11.23 -3.60 4.23
C GLY A 261 -12.35 -2.58 4.17
N ASP A 262 -12.56 -1.83 5.25
CA ASP A 262 -13.63 -0.84 5.34
C ASP A 262 -13.06 0.59 5.34
N ARG A 263 -11.85 0.75 4.80
CA ARG A 263 -11.02 1.98 4.70
C ARG A 263 -10.08 2.15 5.89
N THR A 264 -10.39 1.50 7.02
CA THR A 264 -9.58 1.71 8.21
C THR A 264 -8.46 0.69 8.26
N PHE A 265 -7.64 0.80 9.31
CA PHE A 265 -6.43 0.02 9.46
C PHE A 265 -6.39 -0.61 10.84
N GLN A 266 -5.50 -1.59 10.95
CA GLN A 266 -5.28 -2.36 12.17
C GLN A 266 -3.78 -2.48 12.40
N LYS A 267 -3.39 -2.52 13.67
CA LYS A 267 -2.00 -2.78 13.99
C LYS A 267 -1.99 -3.37 15.40
N TRP A 268 -0.97 -4.19 15.69
CA TRP A 268 -0.76 -4.57 17.07
C TRP A 268 0.73 -4.66 17.35
N ALA A 269 1.05 -4.56 18.64
CA ALA A 269 2.40 -4.64 19.17
C ALA A 269 2.36 -5.60 20.34
N ALA A 270 3.29 -6.52 20.39
CA ALA A 270 3.27 -7.56 21.41
C ALA A 270 4.63 -7.68 22.06
N VAL A 271 4.63 -7.87 23.37
CA VAL A 271 5.84 -8.16 24.12
C VAL A 271 5.60 -9.44 24.90
N VAL A 272 6.67 -10.16 25.15
CA VAL A 272 6.63 -11.35 26.00
C VAL A 272 7.07 -10.93 27.39
N VAL A 273 6.18 -11.12 28.37
CA VAL A 273 6.40 -10.61 29.71
C VAL A 273 6.42 -11.76 30.71
N PRO A 274 7.20 -11.65 31.78
CA PRO A 274 7.13 -12.66 32.84
C PRO A 274 5.77 -12.64 33.51
N SER A 275 5.22 -13.84 33.74
CA SER A 275 3.92 -13.95 34.39
C SER A 275 3.96 -13.27 35.75
N GLY A 276 2.94 -12.47 36.05
CA GLY A 276 2.91 -11.68 37.25
C GLY A 276 3.53 -10.30 37.14
N GLU A 277 4.27 -10.02 36.06
CA GLU A 277 4.88 -8.71 35.84
C GLU A 277 4.07 -7.85 34.87
N GLU A 278 2.85 -8.28 34.51
CA GLU A 278 2.09 -7.62 33.46
C GLU A 278 1.82 -6.16 33.76
N GLN A 279 1.61 -5.80 35.03
CA GLN A 279 1.26 -4.43 35.38
C GLN A 279 2.43 -3.48 35.27
N ARG A 280 3.66 -3.96 35.06
CA ARG A 280 4.77 -3.07 34.82
C ARG A 280 4.83 -2.59 33.37
N TYR A 281 3.97 -3.10 32.50
CA TYR A 281 4.01 -2.79 31.09
C TYR A 281 2.87 -1.85 30.73
N THR A 282 3.18 -0.84 29.94
CA THR A 282 2.17 0.06 29.44
C THR A 282 2.29 0.21 27.94
N CYS A 283 1.14 0.24 27.28
CA CYS A 283 1.07 0.45 25.85
C CYS A 283 0.72 1.90 25.57
N HIS A 284 1.42 2.49 24.62
CA HIS A 284 1.23 3.91 24.31
C HIS A 284 0.83 4.04 22.85
N VAL A 285 -0.25 4.76 22.60
CA VAL A 285 -0.83 4.88 21.26
C VAL A 285 -0.89 6.35 20.89
N GLN A 286 -0.27 6.70 19.78
CA GLN A 286 -0.37 8.04 19.22
C GLN A 286 -1.03 7.95 17.86
N HIS A 287 -2.08 8.75 17.67
CA HIS A 287 -2.79 8.79 16.39
C HIS A 287 -3.49 10.13 16.29
N GLU A 288 -3.51 10.69 15.08
CA GLU A 288 -4.02 12.06 14.94
C GLU A 288 -5.52 12.16 15.21
N GLY A 289 -6.24 11.04 15.25
CA GLY A 289 -7.63 11.06 15.67
C GLY A 289 -7.83 11.18 17.18
N LEU A 290 -6.76 11.11 17.96
CA LEU A 290 -6.88 11.14 19.41
C LEU A 290 -6.64 12.55 19.95
N PRO A 291 -7.44 12.97 20.92
CA PRO A 291 -7.15 14.25 21.62
C PRO A 291 -5.80 14.26 22.30
N LYS A 292 -5.33 13.12 22.81
CA LYS A 292 -4.10 13.03 23.58
C LYS A 292 -3.54 11.63 23.38
N PRO A 293 -2.22 11.45 23.48
CA PRO A 293 -1.67 10.08 23.44
C PRO A 293 -2.33 9.21 24.50
N LEU A 294 -2.66 7.97 24.12
CA LEU A 294 -3.33 7.01 24.99
C LEU A 294 -2.32 6.12 25.69
N THR A 295 -2.56 5.82 26.96
CA THR A 295 -1.77 4.83 27.70
C THR A 295 -2.70 3.73 28.16
N LEU A 296 -2.38 2.48 27.83
CA LEU A 296 -3.19 1.36 28.27
C LEU A 296 -2.32 0.33 28.97
N ARG A 297 -2.98 -0.49 29.78
CA ARG A 297 -2.34 -1.66 30.35
C ARG A 297 -3.33 -2.80 30.27
N TRP A 298 -2.86 -4.00 30.56
CA TRP A 298 -3.77 -5.13 30.63
C TRP A 298 -4.70 -4.97 31.82
N GLU A 299 -5.99 -5.19 31.59
CA GLU A 299 -7.01 -5.09 32.62
C GLU A 299 -7.63 -6.47 32.78
N PRO A 300 -7.12 -7.28 33.72
CA PRO A 300 -7.69 -8.62 33.99
C PRO A 300 -9.05 -8.53 34.68
N GLN B 3 14.73 -9.85 -5.71
CA GLN B 3 13.42 -10.45 -5.46
C GLN B 3 13.12 -10.45 -3.96
N ARG B 4 11.90 -10.05 -3.58
CA ARG B 4 11.51 -9.93 -2.19
C ARG B 4 10.34 -10.84 -1.90
N THR B 5 10.48 -11.66 -0.88
N THR B 5 10.48 -11.68 -0.88
CA THR B 5 9.44 -12.64 -0.58
CA THR B 5 9.43 -12.64 -0.58
C THR B 5 8.31 -11.96 0.19
C THR B 5 8.29 -11.96 0.17
N PRO B 6 7.07 -12.42 -0.01
CA PRO B 6 5.93 -11.73 0.62
C PRO B 6 5.82 -11.95 2.12
N LYS B 7 5.40 -10.88 2.79
CA LYS B 7 4.81 -11.00 4.11
C LYS B 7 3.33 -11.33 3.96
N ILE B 8 2.79 -12.05 4.95
CA ILE B 8 1.41 -12.53 4.89
C ILE B 8 0.78 -12.37 6.26
N GLN B 9 -0.33 -11.63 6.32
CA GLN B 9 -1.16 -11.61 7.52
C GLN B 9 -2.57 -12.08 7.15
N VAL B 10 -3.10 -12.98 7.95
CA VAL B 10 -4.48 -13.45 7.79
CA VAL B 10 -4.47 -13.47 7.80
C VAL B 10 -5.24 -13.04 9.04
N TYR B 11 -6.38 -12.38 8.85
CA TYR B 11 -7.06 -11.79 9.98
C TYR B 11 -8.47 -11.42 9.58
N SER B 12 -9.28 -11.06 10.57
CA SER B 12 -10.66 -10.68 10.32
C SER B 12 -10.80 -9.17 10.38
N ARG B 13 -11.80 -8.64 9.66
CA ARG B 13 -12.08 -7.21 9.68
C ARG B 13 -12.43 -6.74 11.08
N HIS B 14 -13.23 -7.52 11.80
CA HIS B 14 -13.63 -7.25 13.17
C HIS B 14 -13.21 -8.39 14.07
N PRO B 15 -13.05 -8.15 15.37
CA PRO B 15 -12.78 -9.27 16.30
C PRO B 15 -13.82 -10.37 16.11
N ALA B 16 -13.33 -11.60 16.02
CA ALA B 16 -14.18 -12.71 15.63
C ALA B 16 -15.12 -13.11 16.77
N GLU B 17 -16.38 -13.35 16.41
CA GLU B 17 -17.36 -13.97 17.30
C GLU B 17 -17.99 -15.13 16.54
N ASN B 18 -17.88 -16.34 17.07
CA ASN B 18 -18.53 -17.48 16.43
C ASN B 18 -20.00 -17.19 16.21
N GLY B 19 -20.44 -17.35 14.97
CA GLY B 19 -21.82 -17.10 14.60
C GLY B 19 -22.11 -15.76 13.95
N LYS B 20 -21.24 -14.76 14.15
CA LYS B 20 -21.47 -13.43 13.59
C LYS B 20 -20.73 -13.28 12.26
N SER B 21 -21.40 -12.65 11.29
CA SER B 21 -20.81 -12.44 9.98
C SER B 21 -19.62 -11.48 10.08
N ASN B 22 -18.57 -11.77 9.32
CA ASN B 22 -17.31 -11.04 9.41
C ASN B 22 -16.66 -11.06 8.03
N PHE B 23 -15.44 -10.56 7.94
CA PHE B 23 -14.66 -10.65 6.71
C PHE B 23 -13.30 -11.25 7.03
N LEU B 24 -12.88 -12.21 6.22
CA LEU B 24 -11.57 -12.84 6.33
C LEU B 24 -10.63 -12.13 5.38
N ASN B 25 -9.51 -11.67 5.90
CA ASN B 25 -8.55 -10.87 5.16
C ASN B 25 -7.23 -11.63 5.03
N CYS B 26 -6.65 -11.60 3.84
CA CYS B 26 -5.28 -12.08 3.66
C CYS B 26 -4.51 -10.93 3.01
N TYR B 27 -3.65 -10.29 3.77
CA TYR B 27 -2.87 -9.14 3.33
C TYR B 27 -1.48 -9.64 2.96
N VAL B 28 -1.14 -9.59 1.67
N VAL B 28 -1.11 -9.46 1.69
CA VAL B 28 0.20 -9.92 1.21
CA VAL B 28 0.17 -9.90 1.17
C VAL B 28 0.90 -8.61 0.88
C VAL B 28 0.95 -8.66 0.75
N SER B 29 2.14 -8.48 1.30
CA SER B 29 2.87 -7.24 1.09
C SER B 29 4.36 -7.52 1.08
N GLY B 30 5.13 -6.48 0.76
CA GLY B 30 6.57 -6.60 0.77
C GLY B 30 7.17 -7.44 -0.32
N PHE B 31 6.41 -7.77 -1.37
CA PHE B 31 6.94 -8.70 -2.38
C PHE B 31 7.30 -7.99 -3.68
N HIS B 32 8.18 -8.63 -4.42
CA HIS B 32 8.69 -8.15 -5.69
C HIS B 32 9.34 -9.35 -6.35
N PRO B 33 9.01 -9.67 -7.61
CA PRO B 33 8.13 -8.94 -8.53
C PRO B 33 6.64 -9.09 -8.22
N SER B 34 5.78 -8.60 -9.12
CA SER B 34 4.39 -8.38 -8.78
C SER B 34 3.51 -9.61 -8.93
N ASP B 35 3.92 -10.60 -9.73
CA ASP B 35 3.07 -11.77 -9.94
C ASP B 35 2.94 -12.54 -8.64
N ILE B 36 1.69 -12.83 -8.27
CA ILE B 36 1.47 -13.55 -7.02
C ILE B 36 0.14 -14.27 -7.14
N GLU B 37 0.05 -15.42 -6.49
CA GLU B 37 -1.16 -16.23 -6.43
CA GLU B 37 -1.16 -16.22 -6.43
C GLU B 37 -1.59 -16.33 -4.98
N VAL B 38 -2.85 -15.99 -4.72
CA VAL B 38 -3.39 -16.01 -3.37
C VAL B 38 -4.74 -16.71 -3.40
N ASP B 39 -4.93 -17.68 -2.52
CA ASP B 39 -6.23 -18.29 -2.31
C ASP B 39 -6.59 -18.26 -0.83
N LEU B 40 -7.86 -18.01 -0.55
CA LEU B 40 -8.41 -18.16 0.79
C LEU B 40 -8.97 -19.56 0.90
N LEU B 41 -8.68 -20.24 2.02
CA LEU B 41 -9.05 -21.64 2.22
C LEU B 41 -10.02 -21.79 3.39
N LYS B 42 -11.03 -22.64 3.23
CA LYS B 42 -11.93 -23.04 4.31
C LYS B 42 -11.81 -24.55 4.46
N ASN B 43 -11.27 -24.99 5.58
CA ASN B 43 -11.02 -26.40 5.83
C ASN B 43 -10.24 -27.03 4.68
N GLY B 44 -9.28 -26.27 4.15
CA GLY B 44 -8.41 -26.74 3.10
C GLY B 44 -8.93 -26.63 1.69
N GLU B 45 -10.14 -26.09 1.49
CA GLU B 45 -10.74 -25.96 0.17
C GLU B 45 -10.75 -24.50 -0.26
N ARG B 46 -10.53 -24.25 -1.55
CA ARG B 46 -10.45 -22.88 -2.05
C ARG B 46 -11.83 -22.23 -2.03
N ILE B 47 -11.91 -21.06 -1.41
CA ILE B 47 -13.11 -20.25 -1.42
C ILE B 47 -13.23 -19.54 -2.76
N GLU B 48 -14.43 -19.59 -3.36
CA GLU B 48 -14.66 -19.03 -4.69
C GLU B 48 -15.00 -17.53 -4.67
N LYS B 49 -15.78 -17.09 -3.69
CA LYS B 49 -16.25 -15.69 -3.66
C LYS B 49 -15.24 -14.82 -2.93
N VAL B 50 -14.06 -14.67 -3.54
CA VAL B 50 -12.96 -13.87 -3.00
C VAL B 50 -12.75 -12.66 -3.91
N GLU B 51 -12.64 -11.48 -3.31
CA GLU B 51 -12.27 -10.27 -4.03
C GLU B 51 -10.88 -9.81 -3.60
N HIS B 52 -10.30 -8.87 -4.35
CA HIS B 52 -9.02 -8.32 -3.93
C HIS B 52 -8.87 -6.87 -4.37
N SER B 53 -8.08 -6.13 -3.61
CA SER B 53 -7.77 -4.75 -3.89
C SER B 53 -6.91 -4.62 -5.16
N ASP B 54 -6.89 -3.41 -5.70
CA ASP B 54 -6.04 -3.12 -6.85
C ASP B 54 -4.57 -3.16 -6.45
N LEU B 55 -3.76 -3.80 -7.27
CA LEU B 55 -2.32 -3.88 -7.04
C LEU B 55 -1.71 -2.49 -6.89
N SER B 56 -1.00 -2.29 -5.77
N SER B 56 -1.00 -2.30 -5.77
CA SER B 56 -0.28 -1.05 -5.53
CA SER B 56 -0.34 -1.05 -5.44
C SER B 56 1.03 -1.40 -4.86
C SER B 56 1.05 -1.39 -4.94
N PHE B 57 1.79 -0.37 -4.50
CA PHE B 57 3.09 -0.61 -3.91
C PHE B 57 3.43 0.47 -2.90
N SER B 58 4.38 0.12 -2.03
CA SER B 58 4.77 0.90 -0.87
C SER B 58 5.96 1.78 -1.21
N LYS B 59 6.47 2.51 -0.21
CA LYS B 59 7.55 3.46 -0.44
C LYS B 59 8.84 2.78 -0.89
N ASP B 60 9.06 1.54 -0.46
CA ASP B 60 10.23 0.78 -0.86
C ASP B 60 10.01 -0.01 -2.15
N TRP B 61 8.94 0.30 -2.89
CA TRP B 61 8.59 -0.23 -4.21
C TRP B 61 8.01 -1.63 -4.13
N SER B 62 7.95 -2.24 -2.95
CA SER B 62 7.37 -3.58 -2.85
C SER B 62 5.86 -3.50 -2.96
N PHE B 63 5.28 -4.53 -3.55
CA PHE B 63 3.86 -4.55 -3.85
C PHE B 63 3.05 -5.02 -2.65
N TYR B 64 1.77 -4.65 -2.65
CA TYR B 64 0.85 -5.25 -1.69
C TYR B 64 -0.54 -5.40 -2.31
N LEU B 65 -1.29 -6.33 -1.73
CA LEU B 65 -2.63 -6.67 -2.15
C LEU B 65 -3.39 -7.15 -0.92
N LEU B 66 -4.69 -6.86 -0.89
CA LEU B 66 -5.61 -7.43 0.10
C LEU B 66 -6.58 -8.36 -0.60
N TYR B 67 -6.61 -9.63 -0.19
CA TYR B 67 -7.65 -10.57 -0.58
C TYR B 67 -8.61 -10.72 0.58
N TYR B 68 -9.91 -10.74 0.29
CA TYR B 68 -10.90 -10.84 1.35
C TYR B 68 -12.13 -11.60 0.88
N THR B 69 -12.86 -12.12 1.85
CA THR B 69 -14.12 -12.79 1.58
C THR B 69 -14.97 -12.67 2.83
N GLU B 70 -16.29 -12.62 2.63
CA GLU B 70 -17.20 -12.64 3.77
C GLU B 70 -17.25 -14.07 4.31
N PHE B 71 -17.29 -14.20 5.62
CA PHE B 71 -17.36 -15.52 6.25
C PHE B 71 -18.01 -15.36 7.62
N THR B 72 -18.40 -16.50 8.19
CA THR B 72 -18.96 -16.54 9.54
C THR B 72 -18.15 -17.54 10.34
N PRO B 73 -17.24 -17.08 11.20
CA PRO B 73 -16.38 -18.01 11.92
C PRO B 73 -17.17 -18.87 12.88
N THR B 74 -16.70 -20.09 13.07
CA THR B 74 -17.25 -21.04 14.02
C THR B 74 -16.10 -21.59 14.86
N GLU B 75 -16.45 -22.38 15.87
CA GLU B 75 -15.41 -22.91 16.76
C GLU B 75 -14.50 -23.89 16.03
N LYS B 76 -15.03 -24.62 15.05
CA LYS B 76 -14.29 -25.74 14.49
C LYS B 76 -13.82 -25.52 13.05
N ASP B 77 -14.43 -24.59 12.31
CA ASP B 77 -13.98 -24.34 10.95
C ASP B 77 -12.60 -23.68 10.96
N GLU B 78 -11.70 -24.20 10.14
CA GLU B 78 -10.34 -23.68 10.01
CA GLU B 78 -10.35 -23.66 10.02
C GLU B 78 -10.24 -22.90 8.71
N TYR B 79 -9.68 -21.69 8.78
CA TYR B 79 -9.47 -20.85 7.62
C TYR B 79 -7.98 -20.60 7.45
N ALA B 80 -7.59 -20.30 6.22
CA ALA B 80 -6.19 -20.12 5.90
C ALA B 80 -6.08 -19.28 4.64
N CYS B 81 -4.85 -18.86 4.36
CA CYS B 81 -4.51 -18.19 3.12
C CYS B 81 -3.35 -18.94 2.50
N ARG B 82 -3.43 -19.24 1.21
CA ARG B 82 -2.37 -19.93 0.48
C ARG B 82 -1.75 -18.99 -0.55
N VAL B 83 -0.45 -18.81 -0.47
CA VAL B 83 0.24 -17.79 -1.25
C VAL B 83 1.36 -18.45 -2.02
N ASN B 84 1.41 -18.18 -3.33
CA ASN B 84 2.53 -18.61 -4.15
C ASN B 84 3.16 -17.40 -4.85
N HIS B 85 4.48 -17.40 -4.88
CA HIS B 85 5.30 -16.31 -5.41
C HIS B 85 6.59 -16.92 -5.90
N VAL B 86 7.25 -16.24 -6.85
CA VAL B 86 8.48 -16.81 -7.43
C VAL B 86 9.52 -17.05 -6.34
N THR B 87 9.46 -16.30 -5.24
CA THR B 87 10.45 -16.47 -4.19
C THR B 87 10.20 -17.70 -3.33
N LEU B 88 9.10 -18.40 -3.53
CA LEU B 88 8.72 -19.52 -2.67
C LEU B 88 8.87 -20.83 -3.43
N SER B 89 9.60 -21.78 -2.83
CA SER B 89 9.75 -23.09 -3.46
C SER B 89 8.43 -23.87 -3.49
N GLN B 90 7.56 -23.65 -2.51
CA GLN B 90 6.25 -24.28 -2.43
C GLN B 90 5.26 -23.22 -1.97
N PRO B 91 3.98 -23.33 -2.32
CA PRO B 91 2.99 -22.40 -1.79
C PRO B 91 2.99 -22.40 -0.27
N LYS B 92 2.85 -21.21 0.30
CA LYS B 92 2.85 -21.03 1.75
C LYS B 92 1.40 -20.92 2.25
N ILE B 93 1.09 -21.68 3.28
CA ILE B 93 -0.23 -21.67 3.92
C ILE B 93 -0.08 -21.05 5.28
N VAL B 94 -0.81 -19.96 5.52
CA VAL B 94 -0.84 -19.30 6.82
C VAL B 94 -2.25 -19.45 7.37
N LYS B 95 -2.37 -20.08 8.53
CA LYS B 95 -3.67 -20.31 9.12
C LYS B 95 -4.18 -19.06 9.83
N TRP B 96 -5.49 -18.87 9.77
CA TRP B 96 -6.11 -17.78 10.50
C TRP B 96 -6.10 -18.08 11.99
N ASP B 97 -5.50 -17.19 12.76
CA ASP B 97 -5.51 -17.23 14.20
C ASP B 97 -6.25 -15.98 14.65
N ARG B 98 -7.43 -16.18 15.25
CA ARG B 98 -8.28 -15.05 15.59
C ARG B 98 -7.62 -14.10 16.58
N ASP B 99 -6.51 -14.47 17.20
CA ASP B 99 -5.82 -13.62 18.16
C ASP B 99 -4.63 -12.88 17.55
N MET B 100 -4.47 -12.93 16.23
CA MET B 100 -3.34 -12.31 15.52
C MET B 100 -3.77 -11.31 14.46
N SER C 1 -5.91 14.53 -10.56
CA SER C 1 -5.81 14.38 -12.01
C SER C 1 -4.36 14.10 -12.42
N VAL C 2 -4.16 13.16 -13.36
CA VAL C 2 -2.79 12.73 -13.69
C VAL C 2 -2.07 13.82 -14.45
N LEU C 3 -0.75 13.79 -14.35
CA LEU C 3 0.13 14.62 -15.16
C LEU C 3 0.04 14.20 -16.63
N ASN C 4 -0.07 15.20 -17.51
CA ASN C 4 0.06 14.96 -18.95
C ASN C 4 1.52 15.16 -19.33
N ASP C 5 2.32 14.10 -19.15
CA ASP C 5 3.74 14.17 -19.47
C ASP C 5 4.08 13.17 -20.55
N ILE C 6 3.10 12.89 -21.43
CA ILE C 6 3.40 12.16 -22.65
C ILE C 6 4.49 12.95 -23.38
N LEU C 7 5.34 12.21 -24.10
CA LEU C 7 6.58 12.68 -24.75
C LEU C 7 7.79 12.60 -23.82
N ALA C 8 7.60 12.49 -22.50
CA ALA C 8 8.70 12.06 -21.63
C ALA C 8 8.92 10.57 -21.80
N ARG C 9 10.19 10.16 -21.84
CA ARG C 9 10.58 8.78 -22.12
C ARG C 9 11.83 8.46 -21.31
N LEU C 10 11.93 7.21 -20.87
CA LEU C 10 13.16 6.74 -20.25
C LEU C 10 14.33 6.92 -21.20
C1 PEG D . -8.38 15.87 17.78
O1 PEG D . -8.93 15.95 16.48
C2 PEG D . -9.21 14.87 18.55
O2 PEG D . -10.53 14.84 18.05
C3 PEG D . -11.45 14.38 19.01
C4 PEG D . -12.58 15.36 19.15
O4 PEG D . -13.33 15.00 20.28
C1 PEG E . -5.18 12.83 7.49
O1 PEG E . -4.65 12.14 6.39
C2 PEG E . -6.62 12.46 7.72
O2 PEG E . -7.45 13.59 7.61
C3 PEG E . -7.56 14.37 8.78
C4 PEG E . -7.92 15.79 8.43
O4 PEG E . -7.19 16.70 9.24
C1 PEG F . -4.45 -0.38 -27.27
O1 PEG F . -4.44 1.03 -27.21
C2 PEG F . -3.20 -0.98 -26.69
O2 PEG F . -2.77 -2.03 -27.52
C3 PEG F . -1.58 -1.78 -28.20
C4 PEG F . -1.75 -2.02 -29.68
O4 PEG F . -0.71 -1.33 -30.36
C1 EDO G . -3.08 4.02 -27.01
O1 EDO G . -4.25 3.23 -27.13
C2 EDO G . -3.21 5.40 -27.60
O2 EDO G . -4.37 6.06 -27.13
C1 EDO H . -8.39 22.35 -11.92
O1 EDO H . -7.06 22.72 -12.15
C2 EDO H . -8.72 22.31 -10.44
O2 EDO H . -10.13 22.35 -10.25
NA NA I . 15.13 -8.95 -11.75
C1 EDO J . 7.14 -16.14 5.05
O1 EDO J . 7.55 -16.90 3.91
C2 EDO J . 5.72 -15.66 4.89
O2 EDO J . 5.02 -15.69 6.13
C1 EDO K . 1.54 -8.61 -15.39
O1 EDO K . 0.66 -8.65 -14.27
C2 EDO K . 2.81 -9.38 -15.15
O2 EDO K . 2.61 -10.77 -15.26
NA NA L . 5.74 15.88 -21.81
#